data_7TRW
#
_entry.id   7TRW
#
_cell.length_a   86.073
_cell.length_b   86.073
_cell.length_c   69.280
_cell.angle_alpha   90.000
_cell.angle_beta   90.000
_cell.angle_gamma   120.000
#
_symmetry.space_group_name_H-M   'P 62'
#
loop_
_entity.id
_entity.type
_entity.pdbx_description
1 polymer 'LysR-family transcriptional regulatory protein'
2 non-polymer '3-HYDROXYBENZOIC ACID'
3 non-polymer 'PHOSPHATE ION'
4 water water
#
_entity_poly.entity_id   1
_entity_poly.type   'polypeptide(L)'
_entity_poly.pdbx_seq_one_letter_code
;SNAAEPRGVVRITCPVALLQATVST(MSE)LADF(MSE)ASCPLVTIHLEATNRQVDPVAEAIDIAIRVRPPPLQNSDLV
LRVLGNRCQCLVASPELIGRQGEVNTPVDLTGWPSLGLGQPQQTFIWNLEGPEKAHAAVYHQPRLVTAD(MSE)NTLRSA
ALAGVGVVQLPL(MSE)(MSE)VTEQLAEGTLVRLLPDWSVRHEIIHAVYPSRRGLLPSVRSVLDYLVQRFSQLDER
;
_entity_poly.pdbx_strand_id   A
#
# COMPACT_ATOMS: atom_id res chain seq x y z
N GLU A 5 4.11 -6.33 31.33
CA GLU A 5 2.79 -5.96 31.81
C GLU A 5 1.67 -6.28 30.80
N PRO A 6 1.84 -5.92 29.52
CA PRO A 6 0.85 -6.36 28.52
C PRO A 6 1.04 -7.82 28.19
N ARG A 7 -0.08 -8.55 28.11
CA ARG A 7 -0.01 -9.98 27.91
C ARG A 7 -1.31 -10.46 27.26
N GLY A 8 -1.19 -11.42 26.37
CA GLY A 8 -2.31 -11.96 25.64
C GLY A 8 -1.97 -12.13 24.18
N VAL A 9 -2.96 -12.52 23.40
CA VAL A 9 -2.81 -12.77 21.97
C VAL A 9 -3.42 -11.60 21.20
N VAL A 10 -2.73 -11.17 20.14
CA VAL A 10 -3.17 -10.08 19.29
C VAL A 10 -3.14 -10.57 17.85
N ARG A 11 -4.28 -10.50 17.16
CA ARG A 11 -4.42 -11.01 15.80
C ARG A 11 -4.39 -9.84 14.81
N ILE A 12 -3.41 -9.84 13.91
CA ILE A 12 -3.14 -8.71 13.03
C ILE A 12 -3.07 -9.19 11.58
N THR A 13 -3.55 -8.35 10.67
CA THR A 13 -3.40 -8.57 9.23
C THR A 13 -2.74 -7.35 8.60
N CYS A 14 -1.93 -7.58 7.55
CA CYS A 14 -1.16 -6.50 6.93
C CYS A 14 -0.78 -6.86 5.50
N PRO A 15 -0.89 -5.92 4.55
CA PRO A 15 -0.47 -6.22 3.18
C PRO A 15 1.02 -6.54 3.14
N VAL A 16 1.40 -7.36 2.14
CA VAL A 16 2.75 -7.94 2.14
C VAL A 16 3.81 -6.86 2.02
N ALA A 17 3.76 -6.09 0.92
CA ALA A 17 4.80 -5.10 0.65
C ALA A 17 4.99 -4.14 1.82
N LEU A 18 3.88 -3.69 2.42
CA LEU A 18 3.98 -2.78 3.56
C LEU A 18 4.59 -3.48 4.76
N LEU A 19 4.26 -4.75 4.95
CA LEU A 19 4.82 -5.50 6.07
C LEU A 19 6.33 -5.63 5.93
N GLN A 20 6.80 -6.04 4.75
CA GLN A 20 8.23 -6.25 4.55
C GLN A 20 9.00 -4.94 4.62
N ALA A 21 8.43 -3.87 4.09
CA ALA A 21 9.18 -2.61 3.98
C ALA A 21 9.17 -1.81 5.27
N THR A 22 8.14 -1.98 6.11
CA THR A 22 7.89 -1.01 7.17
C THR A 22 7.42 -1.64 8.46
N VAL A 23 6.31 -2.37 8.41
CA VAL A 23 5.63 -2.82 9.62
C VAL A 23 6.40 -3.91 10.36
N SER A 24 7.23 -4.69 9.65
CA SER A 24 7.88 -5.84 10.28
C SER A 24 8.82 -5.41 11.40
N THR A 25 9.69 -4.43 11.13
CA THR A 25 10.65 -4.00 12.13
C THR A 25 9.98 -3.36 13.33
N LEU A 27 6.96 -4.31 14.61
CA LEU A 27 6.47 -5.41 15.44
C LEU A 27 7.60 -6.14 16.13
N ALA A 28 8.73 -6.32 15.43
CA ALA A 28 9.89 -6.94 16.05
C ALA A 28 10.33 -6.17 17.29
N ASP A 29 10.48 -4.85 17.16
CA ASP A 29 10.90 -4.03 18.30
C ASP A 29 9.87 -4.06 19.42
N PHE A 30 8.59 -4.06 19.07
CA PHE A 30 7.56 -4.12 20.09
C PHE A 30 7.66 -5.42 20.88
N ALA A 32 10.14 -7.38 21.34
CA ALA A 32 11.33 -7.42 22.18
C ALA A 32 11.11 -6.69 23.49
N SER A 33 10.27 -5.64 23.49
CA SER A 33 10.01 -4.85 24.67
C SER A 33 8.78 -5.30 25.45
N CYS A 34 8.02 -6.27 24.94
CA CYS A 34 6.83 -6.79 25.62
C CYS A 34 6.87 -8.32 25.52
N PRO A 35 7.61 -8.97 26.42
CA PRO A 35 7.84 -10.42 26.26
C PRO A 35 6.57 -11.26 26.37
N LEU A 36 5.54 -10.78 27.05
CA LEU A 36 4.36 -11.58 27.33
C LEU A 36 3.28 -11.47 26.26
N VAL A 37 3.53 -10.71 25.21
CA VAL A 37 2.54 -10.52 24.14
C VAL A 37 2.81 -11.54 23.03
N THR A 38 1.75 -12.22 22.61
CA THR A 38 1.81 -13.15 21.49
C THR A 38 1.15 -12.50 20.28
N ILE A 39 1.79 -12.61 19.12
CA ILE A 39 1.30 -11.97 17.91
C ILE A 39 1.08 -13.04 16.85
N HIS A 40 -0.15 -13.12 16.35
CA HIS A 40 -0.52 -13.91 15.18
C HIS A 40 -0.74 -12.94 14.03
N LEU A 41 0.14 -13.00 13.04
CA LEU A 41 0.19 -12.01 11.97
C LEU A 41 0.00 -12.70 10.63
N GLU A 42 -1.13 -12.44 9.97
CA GLU A 42 -1.36 -12.94 8.61
C GLU A 42 -0.86 -11.91 7.62
N ALA A 43 0.09 -12.31 6.78
CA ALA A 43 0.59 -11.47 5.70
C ALA A 43 -0.24 -11.79 4.46
N THR A 44 -1.18 -10.91 4.13
CA THR A 44 -2.07 -11.11 3.00
C THR A 44 -2.48 -9.78 2.43
N ASN A 45 -2.76 -9.77 1.13
CA ASN A 45 -3.19 -8.57 0.43
C ASN A 45 -4.70 -8.52 0.24
N ARG A 46 -5.43 -9.44 0.84
CA ARG A 46 -6.87 -9.50 0.64
C ARG A 46 -7.58 -8.51 1.55
N GLN A 47 -8.76 -8.07 1.12
CA GLN A 47 -9.63 -7.29 1.98
C GLN A 47 -10.09 -8.17 3.14
N VAL A 48 -9.77 -7.76 4.36
CA VAL A 48 -10.07 -8.54 5.55
C VAL A 48 -11.27 -7.94 6.25
N ASP A 49 -12.26 -8.79 6.57
CA ASP A 49 -13.41 -8.38 7.37
C ASP A 49 -13.07 -8.60 8.84
N PRO A 50 -12.76 -7.53 9.58
CA PRO A 50 -12.28 -7.72 10.96
C PRO A 50 -13.32 -8.26 11.90
N VAL A 51 -14.59 -7.88 11.74
CA VAL A 51 -15.61 -8.26 12.69
C VAL A 51 -15.90 -9.76 12.61
N ALA A 52 -16.06 -10.28 11.40
CA ALA A 52 -16.43 -11.69 11.23
C ALA A 52 -15.28 -12.62 11.61
N GLU A 53 -14.09 -12.36 11.07
CA GLU A 53 -12.94 -13.22 11.32
C GLU A 53 -12.25 -12.94 12.65
N ALA A 54 -12.84 -12.09 13.50
CA ALA A 54 -12.32 -11.79 14.82
C ALA A 54 -10.87 -11.31 14.75
N ILE A 55 -10.63 -10.35 13.88
CA ILE A 55 -9.32 -9.72 13.75
C ILE A 55 -9.24 -8.55 14.71
N ASP A 56 -8.14 -8.45 15.45
CA ASP A 56 -7.98 -7.39 16.43
C ASP A 56 -7.54 -6.08 15.78
N ILE A 57 -6.61 -6.15 14.83
CA ILE A 57 -6.09 -4.98 14.12
C ILE A 57 -5.89 -5.37 12.67
N ALA A 58 -6.57 -4.68 11.75
CA ALA A 58 -6.38 -4.89 10.32
C ALA A 58 -5.75 -3.63 9.72
N ILE A 59 -4.53 -3.76 9.22
CA ILE A 59 -3.84 -2.66 8.56
C ILE A 59 -4.17 -2.70 7.08
N ARG A 60 -4.56 -1.57 6.52
CA ARG A 60 -4.98 -1.49 5.12
C ARG A 60 -4.24 -0.37 4.42
N VAL A 61 -4.13 -0.51 3.10
CA VAL A 61 -3.58 0.54 2.26
C VAL A 61 -4.52 0.73 1.07
N ARG A 62 -5.36 1.76 1.13
CA ARG A 62 -6.34 2.04 0.08
C ARG A 62 -6.40 3.54 -0.18
N PRO A 63 -6.78 3.95 -1.38
CA PRO A 63 -6.88 5.39 -1.69
C PRO A 63 -8.16 5.98 -1.11
N PRO A 64 -8.17 7.29 -0.86
CA PRO A 64 -9.40 7.92 -0.35
C PRO A 64 -10.46 7.98 -1.44
N PRO A 65 -11.75 7.92 -1.07
CA PRO A 65 -12.28 7.89 0.29
C PRO A 65 -12.17 6.52 0.94
N LEU A 66 -12.21 6.48 2.26
CA LEU A 66 -12.05 5.23 3.01
C LEU A 66 -13.38 4.78 3.58
N GLN A 67 -13.37 3.57 4.13
CA GLN A 67 -14.59 2.97 4.67
C GLN A 67 -15.09 3.75 5.87
N ASN A 68 -16.36 4.16 5.81
CA ASN A 68 -17.04 4.75 6.96
C ASN A 68 -17.81 3.70 7.74
N SER A 69 -17.24 2.51 7.91
CA SER A 69 -17.92 1.41 8.58
C SER A 69 -17.99 1.69 10.07
N ASP A 70 -18.68 0.81 10.79
CA ASP A 70 -18.77 0.87 12.25
C ASP A 70 -17.42 0.69 12.93
N LEU A 71 -16.37 0.32 12.19
CA LEU A 71 -15.06 0.13 12.78
C LEU A 71 -14.39 1.47 13.06
N VAL A 72 -13.47 1.48 14.04
CA VAL A 72 -12.67 2.66 14.32
C VAL A 72 -11.53 2.74 13.32
N LEU A 73 -11.23 3.96 12.88
CA LEU A 73 -10.20 4.18 11.88
C LEU A 73 -9.13 5.10 12.46
N ARG A 74 -7.87 4.70 12.31
CA ARG A 74 -6.73 5.54 12.67
C ARG A 74 -5.82 5.64 11.47
N VAL A 75 -5.59 6.86 10.99
CA VAL A 75 -4.73 7.09 9.84
C VAL A 75 -3.27 7.03 10.29
N LEU A 76 -2.45 6.33 9.50
CA LEU A 76 -1.04 6.15 9.83
C LEU A 76 -0.09 6.89 8.90
N GLY A 77 -0.50 7.19 7.68
CA GLY A 77 0.36 7.89 6.75
C GLY A 77 -0.19 7.83 5.34
N ASN A 78 0.28 8.75 4.50
CA ASN A 78 -0.10 8.79 3.09
C ASN A 78 1.11 8.43 2.24
N ARG A 79 0.88 7.63 1.22
CA ARG A 79 1.94 7.18 0.32
C ARG A 79 1.55 7.51 -1.11
N CYS A 80 2.39 8.29 -1.79
CA CYS A 80 2.11 8.64 -3.16
C CYS A 80 2.58 7.53 -4.10
N GLN A 81 1.96 7.49 -5.28
CA GLN A 81 2.23 6.49 -6.30
C GLN A 81 2.83 7.17 -7.52
N CYS A 82 3.46 6.38 -8.39
CA CYS A 82 4.00 6.93 -9.62
C CYS A 82 4.10 5.85 -10.69
N LEU A 83 4.13 6.30 -11.94
CA LEU A 83 4.26 5.45 -13.11
C LEU A 83 5.72 5.42 -13.53
N VAL A 84 6.31 4.24 -13.59
CA VAL A 84 7.74 4.10 -13.89
C VAL A 84 7.95 3.13 -15.04
N ALA A 85 9.05 3.33 -15.76
CA ALA A 85 9.52 2.41 -16.77
C ALA A 85 11.03 2.55 -16.84
N SER A 86 11.68 1.56 -17.46
CA SER A 86 13.13 1.58 -17.61
C SER A 86 13.53 2.47 -18.78
N PRO A 87 14.74 3.03 -18.74
CA PRO A 87 15.20 3.84 -19.88
C PRO A 87 15.18 3.07 -21.19
N GLU A 88 15.54 1.79 -21.15
CA GLU A 88 15.54 0.97 -22.35
C GLU A 88 14.15 0.90 -22.97
N LEU A 89 13.13 0.60 -22.16
CA LEU A 89 11.77 0.54 -22.68
C LEU A 89 11.34 1.89 -23.25
N ILE A 90 11.70 2.98 -22.58
CA ILE A 90 11.35 4.31 -23.06
C ILE A 90 12.00 4.57 -24.42
N GLY A 91 13.25 4.14 -24.59
CA GLY A 91 13.91 4.33 -25.86
C GLY A 91 13.23 3.63 -27.01
N ARG A 92 12.54 2.53 -26.73
CA ARG A 92 11.89 1.74 -27.76
C ARG A 92 10.46 2.18 -28.05
N GLN A 93 9.75 2.72 -27.06
CA GLN A 93 8.32 2.97 -27.20
C GLN A 93 7.96 4.42 -27.49
N GLY A 94 8.91 5.34 -27.42
CA GLY A 94 8.66 6.71 -27.79
C GLY A 94 8.54 7.63 -26.58
N GLU A 95 7.95 8.79 -26.82
CA GLU A 95 7.86 9.86 -25.83
C GLU A 95 6.47 9.90 -25.19
N VAL A 96 6.44 10.24 -23.90
CA VAL A 96 5.21 10.32 -23.13
C VAL A 96 5.06 11.76 -22.66
N ASN A 97 4.20 12.53 -23.33
CA ASN A 97 3.91 13.89 -22.92
C ASN A 97 2.49 14.11 -22.43
N THR A 98 1.58 13.20 -22.74
CA THR A 98 0.21 13.22 -22.27
C THR A 98 -0.21 11.78 -22.01
N PRO A 99 -1.22 11.57 -21.16
CA PRO A 99 -1.67 10.21 -20.88
C PRO A 99 -2.02 9.40 -22.11
N VAL A 100 -2.54 10.04 -23.17
CA VAL A 100 -2.88 9.31 -24.39
C VAL A 100 -1.67 8.57 -24.94
N ASP A 101 -0.48 9.13 -24.78
CA ASP A 101 0.73 8.53 -25.34
C ASP A 101 1.06 7.17 -24.71
N LEU A 102 0.48 6.85 -23.54
CA LEU A 102 0.74 5.57 -22.92
C LEU A 102 -0.03 4.42 -23.58
N THR A 103 -1.09 4.74 -24.32
CA THR A 103 -1.85 3.71 -25.03
C THR A 103 -0.94 2.87 -25.90
N GLY A 104 -0.98 1.55 -25.71
CA GLY A 104 -0.20 0.64 -26.50
C GLY A 104 1.14 0.25 -25.90
N TRP A 105 1.65 1.00 -24.93
CA TRP A 105 2.84 0.57 -24.22
C TRP A 105 2.58 -0.76 -23.53
N PRO A 106 3.53 -1.69 -23.57
CA PRO A 106 3.41 -2.88 -22.72
C PRO A 106 3.44 -2.45 -21.26
N SER A 107 2.69 -3.16 -20.43
CA SER A 107 2.49 -2.74 -19.05
C SER A 107 2.53 -3.93 -18.11
N LEU A 108 2.60 -3.60 -16.82
CA LEU A 108 2.50 -4.58 -15.74
C LEU A 108 1.37 -4.16 -14.81
N GLY A 109 0.76 -5.14 -14.16
CA GLY A 109 -0.41 -4.90 -13.34
C GLY A 109 -0.30 -5.56 -11.98
N LEU A 110 -0.63 -4.79 -10.95
CA LEU A 110 -0.67 -5.27 -9.58
C LEU A 110 -2.09 -5.73 -9.27
N GLY A 111 -2.26 -7.02 -9.02
CA GLY A 111 -3.57 -7.53 -8.64
C GLY A 111 -3.73 -8.97 -9.10
N GLN A 112 -4.96 -9.29 -9.50
CA GLN A 112 -5.40 -10.58 -9.98
C GLN A 112 -5.69 -10.51 -11.48
N PRO A 113 -5.59 -11.64 -12.20
CA PRO A 113 -5.70 -11.57 -13.67
C PRO A 113 -7.04 -11.07 -14.17
N GLN A 114 -8.14 -11.41 -13.49
CA GLN A 114 -9.47 -11.06 -13.99
C GLN A 114 -9.77 -9.57 -13.85
N GLN A 115 -9.02 -8.84 -13.03
CA GLN A 115 -9.32 -7.43 -12.80
C GLN A 115 -9.16 -6.61 -14.07
N THR A 116 -9.80 -5.45 -14.07
CA THR A 116 -9.63 -4.46 -15.12
C THR A 116 -8.61 -3.44 -14.64
N PHE A 117 -7.54 -3.26 -15.41
CA PHE A 117 -6.45 -2.40 -15.02
C PHE A 117 -6.56 -1.06 -15.73
N ILE A 118 -6.59 0.02 -14.96
CA ILE A 118 -6.76 1.38 -15.48
C ILE A 118 -5.92 2.30 -14.61
N TRP A 119 -5.11 3.16 -15.26
CA TRP A 119 -4.37 4.18 -14.55
C TRP A 119 -5.22 5.44 -14.46
N ASN A 120 -5.58 5.84 -13.24
CA ASN A 120 -6.35 7.06 -13.01
C ASN A 120 -5.38 8.20 -12.74
N LEU A 121 -5.43 9.22 -13.59
CA LEU A 121 -4.45 10.30 -13.55
C LEU A 121 -5.16 11.65 -13.47
N GLU A 122 -4.55 12.57 -12.72
CA GLU A 122 -5.00 13.95 -12.65
C GLU A 122 -3.85 14.86 -13.02
N GLY A 123 -4.12 15.85 -13.87
CA GLY A 123 -3.07 16.68 -14.40
C GLY A 123 -3.32 18.17 -14.24
N PRO A 124 -2.53 18.98 -14.93
CA PRO A 124 -2.68 20.43 -14.83
C PRO A 124 -4.08 20.88 -15.23
N GLU A 125 -4.48 22.03 -14.71
CA GLU A 125 -5.77 22.64 -15.00
C GLU A 125 -6.92 21.69 -14.69
N LYS A 126 -6.75 20.87 -13.65
CA LYS A 126 -7.79 19.94 -13.19
C LYS A 126 -8.18 18.94 -14.27
N ALA A 127 -7.24 18.56 -15.13
CA ALA A 127 -7.51 17.58 -16.16
C ALA A 127 -7.44 16.17 -15.58
N HIS A 128 -8.40 15.34 -15.97
CA HIS A 128 -8.43 13.94 -15.58
C HIS A 128 -8.23 13.07 -16.80
N ALA A 129 -7.49 11.98 -16.62
CA ALA A 129 -7.34 10.97 -17.65
C ALA A 129 -7.38 9.60 -17.00
N ALA A 130 -7.98 8.64 -17.71
CA ALA A 130 -8.09 7.26 -17.22
C ALA A 130 -7.65 6.35 -18.37
N VAL A 131 -6.50 5.71 -18.19
CA VAL A 131 -5.83 4.99 -19.27
C VAL A 131 -5.94 3.50 -18.99
N TYR A 132 -6.71 2.81 -19.82
CA TYR A 132 -6.81 1.36 -19.75
C TYR A 132 -5.56 0.73 -20.34
N HIS A 133 -5.08 -0.34 -19.72
CA HIS A 133 -3.96 -1.10 -20.25
C HIS A 133 -4.19 -2.58 -20.04
N GLN A 134 -3.64 -3.39 -20.96
CA GLN A 134 -3.68 -4.84 -20.86
C GLN A 134 -2.29 -5.34 -20.47
N PRO A 135 -2.03 -5.57 -19.19
CA PRO A 135 -0.66 -5.88 -18.78
C PRO A 135 -0.26 -7.28 -19.19
N ARG A 136 1.01 -7.44 -19.58
CA ARG A 136 1.51 -8.76 -19.92
C ARG A 136 2.04 -9.51 -18.71
N LEU A 137 2.16 -8.85 -17.56
CA LEU A 137 2.52 -9.49 -16.30
C LEU A 137 1.55 -9.00 -15.22
N VAL A 138 0.91 -9.95 -14.53
CA VAL A 138 -0.04 -9.63 -13.47
C VAL A 138 0.36 -10.43 -12.23
N THR A 139 0.60 -9.72 -11.13
CA THR A 139 0.93 -10.37 -9.86
C THR A 139 0.62 -9.41 -8.72
N ALA A 140 0.54 -9.96 -7.52
CA ALA A 140 0.34 -9.15 -6.32
C ALA A 140 1.64 -8.81 -5.62
N ASP A 141 2.75 -9.43 -5.99
CA ASP A 141 4.05 -9.18 -5.35
C ASP A 141 4.71 -7.97 -6.00
N ASN A 143 7.70 -6.75 -5.42
CA ASN A 143 9.10 -7.00 -5.78
C ASN A 143 9.22 -7.52 -7.20
N THR A 144 8.37 -8.49 -7.57
CA THR A 144 8.43 -9.04 -8.92
C THR A 144 8.12 -7.98 -9.97
N LEU A 145 7.13 -7.13 -9.72
CA LEU A 145 6.82 -6.07 -10.66
C LEU A 145 8.02 -5.13 -10.85
N ARG A 146 8.68 -4.76 -9.76
CA ARG A 146 9.83 -3.85 -9.86
C ARG A 146 10.95 -4.47 -10.69
N SER A 147 11.21 -5.77 -10.51
CA SER A 147 12.26 -6.41 -11.27
C SER A 147 11.88 -6.50 -12.75
N ALA A 148 10.61 -6.76 -13.05
CA ALA A 148 10.15 -6.79 -14.43
C ALA A 148 10.26 -5.40 -15.07
N ALA A 149 9.86 -4.36 -14.34
CA ALA A 149 9.99 -3.01 -14.87
C ALA A 149 11.46 -2.67 -15.10
N LEU A 150 12.34 -3.13 -14.21
CA LEU A 150 13.77 -2.86 -14.36
C LEU A 150 14.33 -3.51 -15.62
N ALA A 151 13.77 -4.65 -16.03
CA ALA A 151 14.19 -5.33 -17.24
C ALA A 151 13.53 -4.77 -18.49
N GLY A 152 12.67 -3.77 -18.35
CA GLY A 152 12.00 -3.18 -19.49
C GLY A 152 10.83 -3.96 -20.01
N VAL A 153 10.21 -4.79 -19.16
CA VAL A 153 9.04 -5.55 -19.61
C VAL A 153 7.86 -4.64 -19.86
N GLY A 154 7.62 -3.67 -18.99
CA GLY A 154 6.46 -2.82 -19.16
C GLY A 154 6.48 -1.64 -18.21
N VAL A 155 5.58 -0.69 -18.50
CA VAL A 155 5.31 0.40 -17.58
C VAL A 155 4.47 -0.13 -16.42
N VAL A 156 4.72 0.40 -15.22
CA VAL A 156 4.03 -0.07 -14.04
C VAL A 156 3.83 1.11 -13.09
N GLN A 157 2.78 1.01 -12.27
CA GLN A 157 2.49 1.97 -11.22
C GLN A 157 2.84 1.34 -9.87
N LEU A 158 3.77 1.94 -9.16
CA LEU A 158 4.21 1.44 -7.86
C LEU A 158 4.25 2.56 -6.85
N PRO A 159 4.22 2.23 -5.56
CA PRO A 159 4.42 3.26 -4.54
C PRO A 159 5.82 3.84 -4.63
N LEU A 160 5.92 5.15 -4.41
CA LEU A 160 7.20 5.82 -4.56
C LEU A 160 8.26 5.19 -3.68
N VAL A 163 10.54 2.42 -4.99
CA VAL A 163 11.39 2.62 -6.16
C VAL A 163 12.37 3.79 -5.98
N THR A 164 12.51 4.28 -4.75
CA THR A 164 13.34 5.47 -4.54
C THR A 164 14.79 5.24 -4.96
N GLU A 165 15.35 4.07 -4.61
CA GLU A 165 16.73 3.78 -5.00
C GLU A 165 16.87 3.66 -6.51
N GLN A 166 15.90 3.02 -7.16
CA GLN A 166 15.97 2.85 -8.61
C GLN A 166 15.92 4.20 -9.33
N LEU A 167 15.00 5.08 -8.92
CA LEU A 167 14.90 6.38 -9.57
C LEU A 167 16.15 7.22 -9.34
N ALA A 168 16.78 7.09 -8.17
CA ALA A 168 18.02 7.83 -7.92
C ALA A 168 19.16 7.33 -8.80
N GLU A 169 19.18 6.03 -9.09
CA GLU A 169 20.20 5.47 -9.97
C GLU A 169 19.89 5.70 -11.44
N GLY A 170 18.64 5.99 -11.77
CA GLY A 170 18.23 6.12 -13.15
C GLY A 170 17.77 4.83 -13.81
N THR A 171 17.93 3.69 -13.15
CA THR A 171 17.48 2.43 -13.73
C THR A 171 15.97 2.35 -13.88
N LEU A 172 15.23 3.27 -13.24
CA LEU A 172 13.82 3.48 -13.52
C LEU A 172 13.58 4.98 -13.64
N VAL A 173 12.65 5.35 -14.52
CA VAL A 173 12.37 6.75 -14.84
C VAL A 173 10.88 6.99 -14.67
N ARG A 174 10.54 8.16 -14.11
CA ARG A 174 9.16 8.52 -13.85
C ARG A 174 8.51 9.07 -15.11
N LEU A 175 7.36 8.49 -15.49
CA LEU A 175 6.61 8.98 -16.63
C LEU A 175 5.57 9.99 -16.18
N LEU A 176 5.26 10.93 -17.08
CA LEU A 176 4.25 11.96 -16.88
C LEU A 176 4.41 12.64 -15.51
N PRO A 177 5.54 13.28 -15.24
CA PRO A 177 5.77 13.85 -13.91
C PRO A 177 4.81 14.99 -13.58
N ASP A 178 4.22 15.63 -14.59
CA ASP A 178 3.27 16.71 -14.35
C ASP A 178 1.89 16.20 -13.97
N TRP A 179 1.61 14.91 -14.20
CA TRP A 179 0.36 14.29 -13.77
C TRP A 179 0.60 13.52 -12.47
N SER A 180 -0.49 13.23 -11.77
CA SER A 180 -0.39 12.56 -10.48
C SER A 180 -1.46 11.48 -10.36
N VAL A 181 -1.07 10.34 -9.81
CA VAL A 181 -1.99 9.26 -9.50
C VAL A 181 -2.48 9.45 -8.07
N ARG A 182 -3.71 9.02 -7.82
CA ARG A 182 -4.30 9.21 -6.50
C ARG A 182 -3.43 8.54 -5.44
N HIS A 183 -3.25 9.23 -4.31
N HIS A 183 -3.25 9.23 -4.32
CA HIS A 183 -2.39 8.71 -3.27
CA HIS A 183 -2.41 8.74 -3.23
C HIS A 183 -3.13 7.64 -2.45
C HIS A 183 -3.13 7.66 -2.43
N GLU A 184 -2.36 6.87 -1.69
CA GLU A 184 -2.89 5.80 -0.86
C GLU A 184 -2.66 6.13 0.61
N ILE A 185 -3.61 5.72 1.45
CA ILE A 185 -3.62 6.05 2.86
C ILE A 185 -3.37 4.78 3.65
N ILE A 186 -2.27 4.75 4.39
CA ILE A 186 -2.03 3.68 5.34
C ILE A 186 -2.85 3.96 6.59
N HIS A 187 -3.75 3.03 6.93
CA HIS A 187 -4.61 3.21 8.08
C HIS A 187 -4.81 1.86 8.74
N ALA A 188 -5.21 1.89 10.00
CA ALA A 188 -5.51 0.69 10.77
C ALA A 188 -6.97 0.75 11.20
N VAL A 189 -7.68 -0.36 11.00
CA VAL A 189 -9.10 -0.46 11.30
C VAL A 189 -9.25 -1.50 12.41
N TYR A 190 -10.01 -1.17 13.44
CA TYR A 190 -10.20 -2.11 14.55
C TYR A 190 -11.61 -1.98 15.10
N PRO A 191 -12.20 -3.08 15.56
N PRO A 191 -12.21 -3.08 15.56
CA PRO A 191 -13.47 -3.01 16.28
CA PRO A 191 -13.61 -3.04 16.01
C PRO A 191 -13.30 -2.24 17.58
C PRO A 191 -13.85 -2.02 17.12
N SER A 192 -14.34 -1.47 17.93
N SER A 192 -15.04 -1.41 17.09
CA SER A 192 -14.26 -0.58 19.09
CA SER A 192 -15.48 -0.40 18.05
C SER A 192 -13.93 -1.34 20.36
C SER A 192 -16.44 -0.94 19.10
N ARG A 193 -14.52 -2.52 20.54
N ARG A 193 -17.36 -1.83 18.71
CA ARG A 193 -14.31 -3.28 21.77
CA ARG A 193 -18.37 -2.35 19.64
C ARG A 193 -12.93 -3.91 21.81
C ARG A 193 -17.73 -2.83 20.93
N ARG A 194 -12.45 -4.42 20.67
N ARG A 194 -16.56 -3.45 20.82
CA ARG A 194 -11.15 -5.10 20.66
CA ARG A 194 -15.82 -3.87 22.01
C ARG A 194 -10.02 -4.15 21.06
C ARG A 194 -14.34 -3.59 21.79
N GLY A 195 -10.09 -2.89 20.60
N GLY A 195 -13.54 -4.66 21.76
CA GLY A 195 -9.08 -1.92 20.99
CA GLY A 195 -12.13 -4.56 21.49
C GLY A 195 -9.05 -1.62 22.47
C GLY A 195 -11.38 -3.70 22.49
N LEU A 196 -10.14 -1.94 23.18
N LEU A 196 -10.19 -3.26 22.06
CA LEU A 196 -10.15 -1.73 24.63
CA LEU A 196 -9.24 -2.53 22.90
C LEU A 196 -9.23 -2.71 25.35
C LEU A 196 -8.96 -3.26 24.21
N LEU A 197 -9.02 -3.89 24.77
N LEU A 197 -8.82 -4.57 24.11
CA LEU A 197 -8.15 -4.87 25.41
CA LEU A 197 -8.23 -5.33 25.21
C LEU A 197 -6.76 -4.29 25.62
C LEU A 197 -6.79 -4.87 25.39
N PRO A 198 -6.12 -4.59 26.75
N PRO A 198 -6.30 -4.76 26.65
CA PRO A 198 -4.83 -3.94 27.05
CA PRO A 198 -5.04 -4.04 26.92
C PRO A 198 -3.73 -4.30 26.07
C PRO A 198 -3.89 -4.31 25.94
N SER A 199 -3.60 -5.58 25.72
CA SER A 199 -2.54 -5.97 24.78
C SER A 199 -2.77 -5.36 23.39
N VAL A 200 -4.00 -5.40 22.89
CA VAL A 200 -4.29 -4.80 21.59
C VAL A 200 -3.97 -3.31 21.61
N ARG A 201 -4.31 -2.63 22.70
CA ARG A 201 -4.06 -1.19 22.78
C ARG A 201 -2.57 -0.88 22.72
N SER A 202 -1.77 -1.62 23.49
CA SER A 202 -0.32 -1.39 23.49
C SER A 202 0.26 -1.56 22.10
N VAL A 203 -0.19 -2.57 21.35
CA VAL A 203 0.25 -2.74 19.97
C VAL A 203 -0.23 -1.57 19.12
N LEU A 204 -1.47 -1.14 19.32
CA LEU A 204 -2.02 -0.05 18.53
C LEU A 204 -1.27 1.24 18.77
N ASP A 205 -1.02 1.58 20.04
CA ASP A 205 -0.31 2.82 20.36
C ASP A 205 1.11 2.80 19.83
N TYR A 206 1.80 1.66 19.92
CA TYR A 206 3.18 1.60 19.46
C TYR A 206 3.27 1.82 17.96
N LEU A 207 2.33 1.26 17.21
CA LEU A 207 2.30 1.50 15.77
C LEU A 207 2.04 2.97 15.48
N VAL A 208 1.10 3.59 16.20
CA VAL A 208 0.82 5.01 15.99
C VAL A 208 2.06 5.84 16.23
N GLN A 209 2.79 5.56 17.31
CA GLN A 209 4.00 6.33 17.61
C GLN A 209 5.07 6.09 16.56
N ARG A 210 5.25 4.84 16.14
CA ARG A 210 6.28 4.55 15.14
C ARG A 210 5.98 5.19 13.80
N PHE A 211 4.72 5.12 13.34
CA PHE A 211 4.37 5.76 12.08
C PHE A 211 4.46 7.27 12.17
N SER A 212 4.16 7.85 13.33
CA SER A 212 4.31 9.30 13.49
C SER A 212 5.77 9.72 13.40
N GLN A 213 6.70 8.84 13.78
CA GLN A 213 8.12 9.14 13.70
C GLN A 213 8.65 9.09 12.26
N LEU A 214 7.93 8.44 11.35
CA LEU A 214 8.34 8.41 9.96
C LEU A 214 7.93 9.70 9.25
N ASP A 215 8.75 10.10 8.28
CA ASP A 215 8.47 11.26 7.44
C ASP A 215 8.44 10.85 5.97
N GLU A 216 7.88 9.67 5.70
CA GLU A 216 7.76 9.18 4.34
C GLU A 216 6.57 9.82 3.63
N ARG A 217 6.69 9.94 2.31
CA ARG A 217 5.60 10.47 1.50
C ARG A 217 5.17 9.48 0.43
#